data_3W2F
#
_entry.id   3W2F
#
_cell.length_a   57.456
_cell.length_b   73.014
_cell.length_c   85.621
_cell.angle_alpha   90.00
_cell.angle_beta   90.00
_cell.angle_gamma   90.00
#
_symmetry.space_group_name_H-M   'P 21 21 21'
#
loop_
_entity.id
_entity.type
_entity.pdbx_description
1 polymer 'NADH-cytochrome b5 reductase 3'
2 non-polymer 'FLAVIN-ADENINE DINUCLEOTIDE'
3 non-polymer NICOTINAMIDE-ADENINE-DINUCLEOTIDE
4 water water
#
_entity_poly.entity_id   1
_entity_poly.type   'polypeptide(L)'
_entity_poly.pdbx_seq_one_letter_code
;TPAITLENPDIKYPLRLIDKEVVNHDTRRFRFALPSPEHILGLPVGQHIYLSARIDGNLVIRPYTPVSSDDDKGFVDLVI
KVYFKDTHPKFPAGGKMSQYLESMKIGDTIEFRGPNGLLVYQGKGKFAIRPDKKSSPVIKTVKSVGMIAGGTGITPMLQV
IRAIMKDPDDHTVCHLLFANQTEKDILLRPELEELRNEHSARFKLWYTVDRAPEAWDYSQGFVNEEMIRDHLPPPEEEPL
VLMCGPPPMIQYACLPNLERVGHPKERCFAF
;
_entity_poly.pdbx_strand_id   A
#
loop_
_chem_comp.id
_chem_comp.type
_chem_comp.name
_chem_comp.formula
FAD non-polymer 'FLAVIN-ADENINE DINUCLEOTIDE' 'C27 H33 N9 O15 P2'
NAD non-polymer NICOTINAMIDE-ADENINE-DINUCLEOTIDE 'C21 H27 N7 O14 P2'
#
# COMPACT_ATOMS: atom_id res chain seq x y z
N THR A 1 3.36 -26.83 -1.12
CA THR A 1 3.81 -25.46 -0.84
C THR A 1 4.43 -25.37 0.55
N PRO A 2 5.13 -24.26 0.85
CA PRO A 2 5.56 -23.96 2.21
C PRO A 2 4.40 -23.93 3.20
N ALA A 3 4.70 -24.09 4.49
CA ALA A 3 3.70 -23.95 5.53
C ALA A 3 3.16 -22.51 5.56
N ILE A 4 1.84 -22.38 5.67
CA ILE A 4 1.17 -21.08 5.68
C ILE A 4 0.93 -20.63 7.13
N THR A 5 1.08 -19.34 7.39
CA THR A 5 0.85 -18.80 8.73
C THR A 5 -0.64 -18.51 8.96
N LEU A 6 -1.21 -17.67 8.10
CA LEU A 6 -2.61 -17.25 8.25
C LEU A 6 -3.60 -18.28 7.69
N GLU A 7 -3.93 -19.30 8.48
CA GLU A 7 -4.77 -20.39 7.98
C GLU A 7 -6.27 -20.12 8.06
N ASN A 8 -6.65 -19.20 8.95
CA ASN A 8 -8.04 -18.80 9.10
C ASN A 8 -8.05 -17.33 9.52
N PRO A 9 -8.89 -16.51 8.85
CA PRO A 9 -8.79 -15.07 9.07
C PRO A 9 -9.29 -14.62 10.44
N ASP A 10 -9.95 -15.52 11.17
CA ASP A 10 -10.47 -15.19 12.49
C ASP A 10 -9.52 -15.60 13.62
N ILE A 11 -8.45 -16.30 13.28
CA ILE A 11 -7.49 -16.77 14.26
C ILE A 11 -6.41 -15.70 14.45
N LYS A 12 -5.96 -15.52 15.69
CA LYS A 12 -4.87 -14.56 15.95
C LYS A 12 -3.55 -15.29 16.10
N TYR A 13 -2.52 -14.75 15.44
CA TYR A 13 -1.20 -15.34 15.48
C TYR A 13 -0.20 -14.32 16.00
N PRO A 14 0.34 -14.56 17.20
CA PRO A 14 1.32 -13.62 17.75
C PRO A 14 2.65 -13.77 17.05
N LEU A 15 3.14 -12.67 16.46
CA LEU A 15 4.41 -12.68 15.75
C LEU A 15 5.41 -11.75 16.44
N ARG A 16 6.68 -12.15 16.43
CA ARG A 16 7.73 -11.44 17.13
C ARG A 16 8.39 -10.40 16.23
N LEU A 17 8.60 -9.20 16.76
CA LEU A 17 9.32 -8.14 16.05
C LEU A 17 10.80 -8.46 16.03
N ILE A 18 11.39 -8.56 14.84
CA ILE A 18 12.81 -8.92 14.72
C ILE A 18 13.71 -7.84 14.11
N ASP A 19 13.10 -6.83 13.49
CA ASP A 19 13.88 -5.74 12.91
C ASP A 19 13.01 -4.51 12.68
N LYS A 20 13.63 -3.34 12.68
CA LYS A 20 12.92 -2.11 12.44
C LYS A 20 13.86 -1.13 11.77
N GLU A 21 13.46 -0.63 10.61
CA GLU A 21 14.29 0.31 9.87
C GLU A 21 13.58 1.63 9.68
N VAL A 22 14.30 2.72 9.88
CA VAL A 22 13.75 4.06 9.64
C VAL A 22 13.56 4.32 8.16
N VAL A 23 12.32 4.57 7.76
CA VAL A 23 11.98 4.93 6.38
C VAL A 23 12.13 6.44 6.16
N ASN A 24 11.59 7.22 7.09
CA ASN A 24 11.89 8.64 7.18
C ASN A 24 11.54 9.15 8.58
N HIS A 25 11.33 10.46 8.72
CA HIS A 25 11.18 11.07 10.05
C HIS A 25 10.04 10.45 10.87
N ASP A 26 8.97 10.04 10.20
CA ASP A 26 7.85 9.45 10.93
C ASP A 26 7.45 8.03 10.54
N THR A 27 8.10 7.45 9.54
CA THR A 27 7.67 6.15 9.05
C THR A 27 8.77 5.11 9.23
N ARG A 28 8.38 3.86 9.49
CA ARG A 28 9.35 2.79 9.68
C ARG A 28 8.88 1.53 8.98
N ARG A 29 9.84 0.68 8.65
CA ARG A 29 9.54 -0.68 8.25
C ARG A 29 9.72 -1.57 9.46
N PHE A 30 8.66 -2.28 9.83
CA PHE A 30 8.68 -3.26 10.91
C PHE A 30 8.71 -4.66 10.32
N ARG A 31 9.73 -5.45 10.67
CA ARG A 31 9.80 -6.83 10.21
C ARG A 31 9.52 -7.79 11.36
N PHE A 32 8.57 -8.69 11.12
CA PHE A 32 8.17 -9.69 12.10
C PHE A 32 8.54 -11.08 11.61
N ALA A 33 8.99 -11.94 12.52
CA ALA A 33 9.29 -13.32 12.16
C ALA A 33 8.00 -14.13 12.00
N LEU A 34 7.94 -14.97 10.97
CA LEU A 34 6.86 -15.95 10.86
C LEU A 34 7.16 -17.11 11.83
N PRO A 35 6.23 -18.07 12.01
CA PRO A 35 6.47 -19.10 13.03
C PRO A 35 7.72 -19.96 12.81
N SER A 36 8.21 -20.05 11.58
CA SER A 36 9.48 -20.71 11.32
C SER A 36 10.11 -20.05 10.12
N PRO A 37 11.43 -20.23 9.92
CA PRO A 37 12.09 -19.66 8.74
C PRO A 37 11.51 -20.20 7.43
N GLU A 38 10.77 -21.30 7.48
CA GLU A 38 10.22 -21.90 6.26
C GLU A 38 8.75 -21.58 6.01
N HIS A 39 8.11 -20.87 6.94
CA HIS A 39 6.72 -20.47 6.76
C HIS A 39 6.63 -19.31 5.78
N ILE A 40 5.49 -19.21 5.12
CA ILE A 40 5.11 -18.00 4.40
C ILE A 40 3.88 -17.42 5.10
N LEU A 41 3.56 -16.16 4.83
CA LEU A 41 2.46 -15.50 5.53
C LEU A 41 1.12 -16.09 5.09
N GLY A 42 0.94 -16.28 3.79
CA GLY A 42 -0.36 -16.69 3.27
C GLY A 42 -1.12 -15.43 2.92
N LEU A 43 -0.65 -14.76 1.87
CA LEU A 43 -1.13 -13.42 1.54
C LEU A 43 -1.32 -13.27 0.03
N PRO A 44 -2.58 -13.38 -0.42
CA PRO A 44 -2.87 -13.07 -1.83
C PRO A 44 -2.47 -11.62 -2.10
N VAL A 45 -1.86 -11.35 -3.25
CA VAL A 45 -1.33 -10.01 -3.52
C VAL A 45 -2.46 -8.98 -3.54
N GLY A 46 -2.29 -7.94 -2.74
CA GLY A 46 -3.28 -6.87 -2.66
C GLY A 46 -4.04 -6.86 -1.34
N GLN A 47 -3.97 -7.96 -0.60
CA GLN A 47 -4.70 -8.03 0.66
C GLN A 47 -3.89 -7.48 1.85
N HIS A 48 -4.59 -7.20 2.94
CA HIS A 48 -3.94 -6.67 4.16
C HIS A 48 -4.14 -7.60 5.35
N ILE A 49 -3.49 -7.28 6.48
CA ILE A 49 -3.69 -8.00 7.74
C ILE A 49 -4.23 -7.01 8.77
N TYR A 50 -4.60 -7.49 9.95
CA TYR A 50 -4.95 -6.61 11.07
C TYR A 50 -4.05 -6.93 12.25
N LEU A 51 -3.61 -5.87 12.94
CA LEU A 51 -2.90 -6.01 14.19
C LEU A 51 -3.88 -5.66 15.29
N SER A 52 -3.74 -6.33 16.43
CA SER A 52 -4.61 -6.00 17.55
C SER A 52 -3.86 -6.04 18.86
N ALA A 53 -4.25 -5.15 19.77
CA ALA A 53 -3.66 -5.08 21.10
C ALA A 53 -4.61 -4.34 22.03
N ARG A 54 -4.43 -4.56 23.33
CA ARG A 54 -5.10 -3.77 24.35
C ARG A 54 -4.17 -2.60 24.66
N ILE A 55 -4.60 -1.38 24.33
CA ILE A 55 -3.78 -0.20 24.53
C ILE A 55 -4.48 0.77 25.45
N ASP A 56 -3.86 1.08 26.58
CA ASP A 56 -4.44 1.99 27.57
C ASP A 56 -5.90 1.66 27.90
N GLY A 57 -6.18 0.37 28.06
CA GLY A 57 -7.48 -0.07 28.56
C GLY A 57 -8.51 -0.33 27.48
N ASN A 58 -8.17 -0.03 26.24
CA ASN A 58 -9.10 -0.26 25.12
C ASN A 58 -8.59 -1.26 24.09
N LEU A 59 -9.51 -2.01 23.49
CA LEU A 59 -9.17 -2.87 22.36
C LEU A 59 -8.88 -2.01 21.15
N VAL A 60 -7.71 -2.19 20.55
CA VAL A 60 -7.36 -1.43 19.36
C VAL A 60 -7.02 -2.38 18.23
N ILE A 61 -7.81 -2.36 17.16
CA ILE A 61 -7.54 -3.18 15.98
C ILE A 61 -7.29 -2.26 14.78
N ARG A 62 -6.20 -2.49 14.04
CA ARG A 62 -5.90 -1.66 12.86
C ARG A 62 -5.38 -2.52 11.72
N PRO A 63 -5.83 -2.24 10.49
CA PRO A 63 -5.22 -2.92 9.34
C PRO A 63 -3.87 -2.33 8.93
N TYR A 64 -2.95 -3.19 8.49
CA TYR A 64 -1.71 -2.76 7.84
C TYR A 64 -1.49 -3.65 6.66
N THR A 65 -0.85 -3.11 5.64
CA THR A 65 -0.75 -3.79 4.35
C THR A 65 0.68 -4.21 4.13
N PRO A 66 0.94 -5.52 4.18
CA PRO A 66 2.34 -5.95 4.07
C PRO A 66 2.94 -5.52 2.74
N VAL A 67 4.23 -5.19 2.73
CA VAL A 67 4.88 -4.90 1.46
C VAL A 67 5.70 -6.09 0.98
N SER A 68 5.81 -7.11 1.84
CA SER A 68 6.45 -8.37 1.48
C SER A 68 5.44 -9.27 0.78
N SER A 69 5.81 -10.52 0.53
CA SER A 69 4.96 -11.43 -0.22
C SER A 69 5.17 -12.88 0.19
N ASP A 70 4.44 -13.78 -0.45
CA ASP A 70 4.62 -15.20 -0.15
C ASP A 70 5.89 -15.83 -0.73
N ASP A 71 6.68 -15.04 -1.44
CA ASP A 71 8.03 -15.48 -1.84
C ASP A 71 9.02 -15.25 -0.71
N ASP A 72 8.61 -14.47 0.29
CA ASP A 72 9.50 -14.11 1.39
C ASP A 72 9.35 -15.05 2.57
N LYS A 73 10.17 -16.10 2.60
CA LYS A 73 10.03 -17.10 3.65
C LYS A 73 10.53 -16.58 5.00
N GLY A 74 9.74 -16.82 6.04
CA GLY A 74 10.20 -16.58 7.40
C GLY A 74 9.95 -15.19 8.01
N PHE A 75 9.47 -14.24 7.21
CA PHE A 75 9.22 -12.91 7.75
C PHE A 75 8.07 -12.19 7.05
N VAL A 76 7.59 -11.11 7.68
CA VAL A 76 6.63 -10.21 7.05
C VAL A 76 7.05 -8.76 7.33
N ASP A 77 6.98 -7.91 6.29
CA ASP A 77 7.36 -6.50 6.42
C ASP A 77 6.14 -5.61 6.34
N LEU A 78 6.00 -4.73 7.33
CA LEU A 78 4.96 -3.69 7.31
C LEU A 78 5.67 -2.34 7.19
N VAL A 79 5.03 -1.39 6.53
CA VAL A 79 5.56 -0.03 6.48
C VAL A 79 4.49 0.87 7.09
N ILE A 80 4.84 1.49 8.20
CA ILE A 80 3.85 2.11 9.08
C ILE A 80 4.31 3.49 9.48
N LYS A 81 3.42 4.46 9.25
CA LYS A 81 3.64 5.82 9.71
C LYS A 81 3.26 5.97 11.19
N VAL A 82 4.17 6.54 11.97
CA VAL A 82 3.88 6.79 13.37
C VAL A 82 3.26 8.17 13.55
N TYR A 83 2.11 8.24 14.21
CA TYR A 83 1.50 9.53 14.47
C TYR A 83 1.82 9.93 15.91
N PHE A 84 2.86 10.76 16.05
CA PHE A 84 3.37 11.13 17.37
C PHE A 84 2.46 12.09 18.12
N LYS A 85 2.43 11.93 19.44
CA LYS A 85 1.71 12.85 20.32
C LYS A 85 2.44 14.19 20.38
N ASP A 86 1.75 15.23 20.85
CA ASP A 86 2.33 16.56 21.02
C ASP A 86 2.90 17.16 19.75
N THR A 87 2.25 16.89 18.62
CA THR A 87 2.80 17.31 17.33
C THR A 87 1.78 18.07 16.49
N HIS A 88 0.62 17.45 16.27
CA HIS A 88 -0.43 18.07 15.47
C HIS A 88 -1.48 18.62 16.43
N PRO A 89 -1.79 19.93 16.31
CA PRO A 89 -2.72 20.61 17.22
C PRO A 89 -4.10 19.96 17.27
N LYS A 90 -4.54 19.37 16.16
CA LYS A 90 -5.86 18.75 16.10
C LYS A 90 -5.87 17.35 16.71
N PHE A 91 -4.68 16.76 16.85
CA PHE A 91 -4.56 15.42 17.41
C PHE A 91 -3.44 15.33 18.44
N PRO A 92 -3.58 16.03 19.58
CA PRO A 92 -2.49 16.08 20.56
C PRO A 92 -2.10 14.72 21.15
N ALA A 93 -3.03 13.77 21.18
CA ALA A 93 -2.71 12.45 21.73
C ALA A 93 -1.90 11.57 20.76
N GLY A 94 -1.87 11.95 19.49
CA GLY A 94 -1.24 11.11 18.49
C GLY A 94 -2.09 9.88 18.17
N GLY A 95 -1.49 8.90 17.49
CA GLY A 95 -2.22 7.69 17.12
C GLY A 95 -1.96 6.55 18.08
N LYS A 96 -3.00 5.77 18.38
CA LYS A 96 -2.89 4.72 19.39
C LYS A 96 -1.97 3.56 18.97
N MET A 97 -2.36 2.85 17.93
CA MET A 97 -1.61 1.67 17.51
C MET A 97 -0.22 2.01 16.96
N SER A 98 -0.12 3.10 16.22
CA SER A 98 1.17 3.41 15.61
C SER A 98 2.23 3.77 16.66
N GLN A 99 1.82 4.43 17.73
CA GLN A 99 2.76 4.78 18.79
C GLN A 99 3.08 3.56 19.65
N TYR A 100 2.10 2.69 19.79
CA TYR A 100 2.32 1.42 20.49
C TYR A 100 3.39 0.62 19.74
N LEU A 101 3.26 0.54 18.42
CA LEU A 101 4.24 -0.18 17.59
C LEU A 101 5.62 0.44 17.67
N GLU A 102 5.65 1.77 17.64
CA GLU A 102 6.91 2.50 17.74
C GLU A 102 7.62 2.22 19.07
N SER A 103 6.84 1.89 20.09
CA SER A 103 7.40 1.65 21.43
C SER A 103 7.82 0.19 21.64
N MET A 104 7.46 -0.69 20.71
CA MET A 104 7.84 -2.10 20.83
C MET A 104 9.36 -2.30 20.77
N LYS A 105 9.85 -3.25 21.55
CA LYS A 105 11.26 -3.62 21.51
C LYS A 105 11.41 -4.86 20.66
N ILE A 106 12.60 -5.05 20.09
CA ILE A 106 12.88 -6.29 19.38
C ILE A 106 12.60 -7.45 20.33
N GLY A 107 11.83 -8.43 19.85
CA GLY A 107 11.49 -9.57 20.69
C GLY A 107 10.07 -9.51 21.23
N ASP A 108 9.49 -8.31 21.26
CA ASP A 108 8.09 -8.17 21.66
C ASP A 108 7.19 -8.76 20.58
N THR A 109 5.99 -9.17 20.98
CA THR A 109 5.05 -9.76 20.03
C THR A 109 3.76 -8.98 19.94
N ILE A 110 3.06 -9.15 18.81
CA ILE A 110 1.73 -8.60 18.63
C ILE A 110 0.93 -9.56 17.74
N GLU A 111 -0.38 -9.63 17.95
CA GLU A 111 -1.22 -10.56 17.21
C GLU A 111 -1.60 -10.08 15.80
N PHE A 112 -1.38 -10.95 14.82
CA PHE A 112 -1.75 -10.74 13.43
C PHE A 112 -2.99 -11.56 13.09
N ARG A 113 -3.83 -11.06 12.20
CA ARG A 113 -4.89 -11.88 11.62
C ARG A 113 -5.11 -11.43 10.18
N GLY A 114 -5.71 -12.30 9.39
CA GLY A 114 -5.97 -11.99 7.99
C GLY A 114 -5.92 -13.25 7.14
N PRO A 115 -5.76 -13.11 5.82
CA PRO A 115 -5.68 -11.84 5.07
C PRO A 115 -7.08 -11.34 4.74
N ASN A 116 -7.19 -10.08 4.34
CA ASN A 116 -8.48 -9.49 4.03
C ASN A 116 -8.35 -8.45 2.92
N GLY A 117 -9.48 -8.15 2.29
CA GLY A 117 -9.54 -7.13 1.27
C GLY A 117 -10.27 -7.62 0.04
N LEU A 118 -10.87 -6.69 -0.69
CA LEU A 118 -11.72 -7.03 -1.82
C LEU A 118 -10.96 -7.30 -3.11
N LEU A 119 -9.69 -6.91 -3.17
CA LEU A 119 -8.91 -7.11 -4.39
C LEU A 119 -7.80 -8.16 -4.23
N VAL A 120 -7.65 -9.02 -5.23
CA VAL A 120 -6.51 -9.91 -5.28
C VAL A 120 -5.89 -9.84 -6.67
N TYR A 121 -4.58 -9.61 -6.74
CA TYR A 121 -3.89 -9.64 -8.03
C TYR A 121 -3.43 -11.07 -8.29
N GLN A 122 -3.88 -11.63 -9.41
CA GLN A 122 -3.62 -13.03 -9.71
C GLN A 122 -2.49 -13.23 -10.72
N GLY A 123 -1.86 -12.12 -11.10
CA GLY A 123 -0.74 -12.16 -12.03
C GLY A 123 -1.13 -11.98 -13.48
N LYS A 124 -0.15 -11.60 -14.30
CA LYS A 124 -0.34 -11.41 -15.73
C LYS A 124 -1.57 -10.57 -16.06
N GLY A 125 -1.75 -9.49 -15.28
CA GLY A 125 -2.76 -8.50 -15.57
C GLY A 125 -4.13 -8.80 -14.97
N LYS A 126 -4.25 -9.97 -14.33
CA LYS A 126 -5.54 -10.44 -13.85
C LYS A 126 -5.83 -10.02 -12.42
N PHE A 127 -6.92 -9.27 -12.24
CA PHE A 127 -7.36 -8.83 -10.90
C PHE A 127 -8.68 -9.48 -10.57
N ALA A 128 -8.82 -9.98 -9.34
CA ALA A 128 -10.08 -10.53 -8.86
C ALA A 128 -10.61 -9.53 -7.84
N ILE A 129 -11.70 -8.85 -8.18
CA ILE A 129 -12.22 -7.78 -7.34
C ILE A 129 -13.67 -8.04 -6.95
N ARG A 130 -13.91 -8.18 -5.65
CA ARG A 130 -15.27 -8.36 -5.16
C ARG A 130 -15.94 -7.00 -5.03
N PRO A 131 -17.17 -6.87 -5.55
CA PRO A 131 -17.97 -5.65 -5.35
C PRO A 131 -18.14 -5.30 -3.88
N ASP A 132 -18.29 -6.31 -3.03
CA ASP A 132 -18.34 -6.11 -1.58
C ASP A 132 -17.99 -7.42 -0.88
N LYS A 133 -18.07 -7.42 0.45
CA LYS A 133 -17.63 -8.56 1.25
C LYS A 133 -18.51 -9.80 1.10
N LYS A 134 -19.68 -9.64 0.49
CA LYS A 134 -20.63 -10.75 0.38
C LYS A 134 -20.84 -11.23 -1.05
N SER A 135 -20.03 -10.74 -1.98
CA SER A 135 -20.20 -11.11 -3.37
C SER A 135 -18.98 -11.84 -3.95
N SER A 136 -19.19 -12.53 -5.06
CA SER A 136 -18.12 -13.23 -5.76
C SER A 136 -17.22 -12.22 -6.45
N PRO A 137 -15.93 -12.54 -6.58
CA PRO A 137 -14.99 -11.68 -7.29
C PRO A 137 -15.37 -11.57 -8.76
N VAL A 138 -15.13 -10.39 -9.32
CA VAL A 138 -15.23 -10.19 -10.76
C VAL A 138 -13.80 -10.12 -11.28
N ILE A 139 -13.51 -10.91 -12.31
CA ILE A 139 -12.16 -11.08 -12.79
C ILE A 139 -11.89 -10.13 -13.93
N LYS A 140 -10.99 -9.17 -13.71
CA LYS A 140 -10.72 -8.14 -14.70
C LYS A 140 -9.25 -8.21 -15.09
N THR A 141 -8.99 -8.47 -16.36
CA THR A 141 -7.61 -8.51 -16.85
C THR A 141 -7.37 -7.28 -17.71
N VAL A 142 -6.26 -6.59 -17.43
CA VAL A 142 -5.94 -5.34 -18.12
C VAL A 142 -4.50 -5.34 -18.62
N LYS A 143 -4.22 -4.44 -19.56
CA LYS A 143 -2.87 -4.27 -20.07
C LYS A 143 -2.11 -3.26 -19.23
N SER A 144 -2.85 -2.35 -18.60
CA SER A 144 -2.22 -1.31 -17.79
C SER A 144 -3.06 -0.94 -16.58
N VAL A 145 -2.39 -0.43 -15.55
CA VAL A 145 -3.04 -0.09 -14.29
C VAL A 145 -2.57 1.28 -13.86
N GLY A 146 -3.51 2.18 -13.59
CA GLY A 146 -3.17 3.44 -12.95
C GLY A 146 -3.21 3.28 -11.45
N MET A 147 -2.29 3.93 -10.74
CA MET A 147 -2.23 3.84 -9.29
C MET A 147 -2.06 5.22 -8.70
N ILE A 148 -3.01 5.63 -7.86
CA ILE A 148 -2.91 6.90 -7.15
C ILE A 148 -2.73 6.63 -5.67
N ALA A 149 -1.58 6.99 -5.12
CA ALA A 149 -1.31 6.71 -3.72
C ALA A 149 -0.97 7.99 -2.97
N GLY A 150 -1.51 8.15 -1.77
CA GLY A 150 -1.14 9.24 -0.89
C GLY A 150 -0.56 8.71 0.41
N GLY A 151 0.66 9.16 0.74
CA GLY A 151 1.29 8.74 1.98
C GLY A 151 1.43 7.24 2.09
N THR A 152 1.03 6.68 3.22
CA THR A 152 1.14 5.23 3.43
C THR A 152 0.23 4.40 2.52
N GLY A 153 -0.64 5.08 1.77
CA GLY A 153 -1.42 4.41 0.74
C GLY A 153 -0.57 3.76 -0.34
N ILE A 154 0.73 4.06 -0.33
CA ILE A 154 1.68 3.40 -1.22
C ILE A 154 1.76 1.89 -0.95
N THR A 155 1.38 1.44 0.25
CA THR A 155 1.69 0.04 0.58
C THR A 155 0.96 -1.02 -0.28
N PRO A 156 -0.35 -0.89 -0.51
CA PRO A 156 -0.93 -1.89 -1.42
C PRO A 156 -0.41 -1.76 -2.84
N MET A 157 -0.11 -0.54 -3.27
CA MET A 157 0.44 -0.34 -4.61
C MET A 157 1.77 -1.06 -4.75
N LEU A 158 2.61 -0.95 -3.73
CA LEU A 158 3.95 -1.55 -3.81
C LEU A 158 3.85 -3.07 -3.82
N GLN A 159 2.87 -3.64 -3.13
CA GLN A 159 2.64 -5.07 -3.22
C GLN A 159 2.38 -5.49 -4.65
N VAL A 160 1.51 -4.75 -5.32
CA VAL A 160 1.14 -5.09 -6.70
C VAL A 160 2.29 -4.84 -7.67
N ILE A 161 2.95 -3.69 -7.54
CA ILE A 161 4.12 -3.38 -8.39
C ILE A 161 5.18 -4.46 -8.30
N ARG A 162 5.55 -4.84 -7.08
N ARG A 162 5.55 -4.83 -7.08
CA ARG A 162 6.60 -5.86 -6.91
CA ARG A 162 6.58 -5.86 -6.87
C ARG A 162 6.21 -7.22 -7.49
C ARG A 162 6.20 -7.20 -7.50
N ALA A 163 4.94 -7.61 -7.33
CA ALA A 163 4.45 -8.87 -7.88
C ALA A 163 4.59 -8.89 -9.41
N ILE A 164 4.24 -7.77 -10.04
CA ILE A 164 4.35 -7.67 -11.50
C ILE A 164 5.80 -7.75 -11.96
N MET A 165 6.66 -6.92 -11.36
CA MET A 165 8.03 -6.80 -11.86
C MET A 165 8.83 -8.10 -11.74
N LYS A 166 8.47 -8.93 -10.76
CA LYS A 166 9.12 -10.23 -10.56
C LYS A 166 8.90 -11.21 -11.70
N ASP A 167 7.79 -11.05 -12.41
CA ASP A 167 7.43 -12.00 -13.45
C ASP A 167 7.76 -11.40 -14.81
N PRO A 168 8.82 -11.91 -15.47
CA PRO A 168 9.20 -11.33 -16.76
C PRO A 168 8.14 -11.55 -17.85
N ASP A 169 7.19 -12.45 -17.60
CA ASP A 169 6.11 -12.70 -18.55
C ASP A 169 4.85 -11.93 -18.19
N ASP A 170 4.92 -11.13 -17.15
CA ASP A 170 3.79 -10.26 -16.78
C ASP A 170 4.04 -8.94 -17.46
N HIS A 171 3.26 -8.64 -18.50
CA HIS A 171 3.51 -7.45 -19.31
C HIS A 171 2.68 -6.23 -18.90
N THR A 172 2.05 -6.31 -17.73
CA THR A 172 1.23 -5.22 -17.21
C THR A 172 2.07 -3.98 -16.97
N VAL A 173 1.60 -2.83 -17.45
CA VAL A 173 2.31 -1.56 -17.23
C VAL A 173 1.64 -0.77 -16.12
N CYS A 174 2.40 -0.45 -15.08
CA CYS A 174 1.87 0.30 -13.92
C CYS A 174 2.24 1.77 -14.05
N HIS A 175 1.25 2.64 -13.87
CA HIS A 175 1.50 4.08 -13.88
C HIS A 175 1.18 4.61 -12.48
N LEU A 176 2.20 4.95 -11.71
CA LEU A 176 2.00 5.40 -10.34
C LEU A 176 2.08 6.92 -10.21
N LEU A 177 1.08 7.50 -9.56
CA LEU A 177 1.12 8.91 -9.15
C LEU A 177 1.09 8.92 -7.63
N PHE A 178 2.17 9.38 -7.01
CA PHE A 178 2.39 9.22 -5.57
C PHE A 178 2.44 10.61 -4.94
N ALA A 179 1.50 10.85 -4.02
CA ALA A 179 1.33 12.16 -3.39
C ALA A 179 1.78 12.15 -1.94
N ASN A 180 2.54 13.16 -1.53
CA ASN A 180 2.97 13.30 -0.14
C ASN A 180 3.04 14.78 0.26
N GLN A 181 3.21 15.06 1.55
CA GLN A 181 3.16 16.45 2.00
C GLN A 181 4.37 17.27 1.58
N THR A 182 5.55 16.65 1.62
CA THR A 182 6.80 17.31 1.24
C THR A 182 7.74 16.29 0.62
N GLU A 183 8.87 16.76 0.11
CA GLU A 183 9.82 15.86 -0.51
C GLU A 183 10.32 14.80 0.48
N LYS A 184 10.60 15.21 1.72
CA LYS A 184 11.13 14.28 2.71
C LYS A 184 10.08 13.25 3.12
N ASP A 185 8.82 13.53 2.80
CA ASP A 185 7.73 12.59 3.10
C ASP A 185 7.52 11.52 2.05
N ILE A 186 8.30 11.56 0.96
CA ILE A 186 8.14 10.57 -0.10
C ILE A 186 8.68 9.22 0.35
N LEU A 187 7.78 8.33 0.72
CA LEU A 187 8.14 7.06 1.34
C LEU A 187 8.77 6.14 0.33
N LEU A 188 9.86 5.49 0.74
CA LEU A 188 10.49 4.44 -0.06
C LEU A 188 10.91 4.94 -1.42
N ARG A 189 11.32 6.21 -1.48
CA ARG A 189 11.76 6.79 -2.74
C ARG A 189 12.89 6.01 -3.42
N PRO A 190 13.93 5.59 -2.67
CA PRO A 190 14.99 4.85 -3.38
C PRO A 190 14.46 3.54 -4.01
N GLU A 191 13.60 2.84 -3.28
CA GLU A 191 12.98 1.62 -3.79
C GLU A 191 12.19 1.91 -5.07
N LEU A 192 11.37 2.95 -5.05
CA LEU A 192 10.57 3.29 -6.23
C LEU A 192 11.43 3.68 -7.43
N GLU A 193 12.50 4.43 -7.19
CA GLU A 193 13.32 4.88 -8.30
C GLU A 193 14.21 3.77 -8.83
N GLU A 194 14.48 2.78 -7.98
CA GLU A 194 15.19 1.58 -8.42
C GLU A 194 14.27 0.77 -9.35
N LEU A 195 12.99 0.72 -8.99
CA LEU A 195 12.00 0.02 -9.82
C LEU A 195 11.87 0.72 -11.18
N ARG A 196 11.88 2.05 -11.16
CA ARG A 196 11.84 2.81 -12.42
C ARG A 196 13.08 2.59 -13.28
N ASN A 197 14.24 2.58 -12.64
CA ASN A 197 15.48 2.43 -13.36
C ASN A 197 15.56 1.05 -14.02
N GLU A 198 15.01 0.05 -13.35
CA GLU A 198 15.17 -1.32 -13.84
C GLU A 198 14.00 -1.87 -14.64
N HIS A 199 12.84 -1.24 -14.53
CA HIS A 199 11.63 -1.70 -15.23
C HIS A 199 10.86 -0.54 -15.85
N SER A 200 11.57 0.37 -16.52
CA SER A 200 10.95 1.59 -17.03
C SER A 200 9.84 1.33 -18.05
N ALA A 201 9.90 0.21 -18.75
CA ALA A 201 8.87 -0.13 -19.74
C ALA A 201 7.56 -0.54 -19.06
N ARG A 202 7.64 -1.08 -17.85
CA ARG A 202 6.43 -1.51 -17.14
C ARG A 202 6.08 -0.65 -15.94
N PHE A 203 6.86 0.41 -15.69
CA PHE A 203 6.65 1.20 -14.50
C PHE A 203 6.90 2.67 -14.79
N LYS A 204 5.83 3.46 -14.70
CA LYS A 204 5.91 4.90 -14.92
C LYS A 204 5.70 5.55 -13.55
N LEU A 205 6.58 6.48 -13.20
CA LEU A 205 6.57 7.02 -11.84
C LEU A 205 6.44 8.54 -11.85
N TRP A 206 5.47 9.06 -11.10
CA TRP A 206 5.34 10.51 -10.94
C TRP A 206 5.00 10.86 -9.49
N TYR A 207 5.49 12.02 -9.04
CA TYR A 207 5.22 12.50 -7.69
C TYR A 207 4.47 13.81 -7.72
N THR A 208 3.68 14.04 -6.69
CA THR A 208 3.27 15.40 -6.33
C THR A 208 3.49 15.60 -4.83
N VAL A 209 3.84 16.83 -4.45
CA VAL A 209 4.03 17.16 -3.04
C VAL A 209 3.22 18.40 -2.71
N ASP A 210 2.63 18.46 -1.51
CA ASP A 210 1.86 19.64 -1.09
C ASP A 210 2.73 20.88 -1.18
N ARG A 211 3.95 20.74 -0.67
CA ARG A 211 4.89 21.85 -0.60
C ARG A 211 6.16 21.42 -1.32
N ALA A 212 6.50 22.11 -2.39
CA ALA A 212 7.63 21.69 -3.22
C ALA A 212 8.93 22.40 -2.84
N PRO A 213 10.08 21.71 -2.99
CA PRO A 213 11.38 22.31 -2.74
C PRO A 213 11.80 23.20 -3.89
N GLU A 214 12.90 23.93 -3.73
CA GLU A 214 13.38 24.89 -4.73
C GLU A 214 13.37 24.32 -6.13
N ALA A 215 14.29 23.39 -6.38
CA ALA A 215 14.36 22.73 -7.67
C ALA A 215 13.49 21.48 -7.60
N TRP A 216 12.43 21.45 -8.39
CA TRP A 216 11.51 20.33 -8.38
C TRP A 216 11.02 20.05 -9.80
N ASP A 217 11.19 18.81 -10.24
CA ASP A 217 10.84 18.44 -11.61
C ASP A 217 9.50 17.71 -11.76
N TYR A 218 8.80 17.52 -10.65
CA TYR A 218 7.52 16.82 -10.70
C TYR A 218 6.40 17.82 -10.40
N SER A 219 5.32 17.32 -9.82
CA SER A 219 4.14 18.15 -9.56
C SER A 219 4.07 18.64 -8.12
N GLN A 220 3.27 19.67 -7.92
CA GLN A 220 3.06 20.24 -6.60
C GLN A 220 1.56 20.44 -6.40
N GLY A 221 1.10 20.23 -5.16
CA GLY A 221 -0.29 20.38 -4.81
C GLY A 221 -1.02 19.06 -4.62
N PHE A 222 -2.28 19.13 -4.20
CA PHE A 222 -3.13 17.95 -4.14
C PHE A 222 -3.28 17.38 -5.55
N VAL A 223 -3.62 16.09 -5.62
CA VAL A 223 -3.88 15.45 -6.91
C VAL A 223 -4.93 16.23 -7.68
N ASN A 224 -4.67 16.48 -8.96
CA ASN A 224 -5.60 17.26 -9.76
C ASN A 224 -5.88 16.62 -11.12
N GLU A 225 -6.72 17.26 -11.92
CA GLU A 225 -7.08 16.76 -13.23
C GLU A 225 -5.86 16.60 -14.15
N GLU A 226 -4.99 17.61 -14.17
CA GLU A 226 -3.81 17.58 -15.04
C GLU A 226 -2.94 16.35 -14.77
N MET A 227 -2.65 16.12 -13.50
CA MET A 227 -1.83 14.98 -13.10
C MET A 227 -2.42 13.64 -13.52
N ILE A 228 -3.73 13.51 -13.39
CA ILE A 228 -4.41 12.26 -13.74
C ILE A 228 -4.39 12.05 -15.26
N ARG A 229 -4.57 13.13 -16.00
CA ARG A 229 -4.55 13.08 -17.44
C ARG A 229 -3.18 12.70 -17.98
N ASP A 230 -2.12 13.23 -17.35
CA ASP A 230 -0.77 13.11 -17.90
C ASP A 230 0.04 11.97 -17.32
N HIS A 231 -0.42 11.39 -16.20
CA HIS A 231 0.38 10.40 -15.49
C HIS A 231 -0.32 9.09 -15.16
N LEU A 232 -1.54 8.92 -15.70
CA LEU A 232 -2.22 7.63 -15.65
C LEU A 232 -2.56 7.29 -17.10
N PRO A 233 -2.76 5.99 -17.42
CA PRO A 233 -3.07 5.68 -18.83
C PRO A 233 -4.40 6.31 -19.21
N PRO A 234 -4.61 6.62 -20.49
CA PRO A 234 -5.85 7.29 -20.91
C PRO A 234 -7.05 6.34 -20.82
N PRO A 235 -8.25 6.90 -20.65
CA PRO A 235 -9.45 6.08 -20.50
C PRO A 235 -9.66 5.15 -21.69
N GLU A 236 -9.20 5.57 -22.87
CA GLU A 236 -9.38 4.79 -24.09
C GLU A 236 -8.67 3.44 -24.01
N GLU A 237 -7.64 3.35 -23.18
CA GLU A 237 -6.87 2.10 -23.05
C GLU A 237 -7.49 1.19 -22.00
N GLU A 238 -8.64 1.62 -21.48
CA GLU A 238 -9.38 0.89 -20.45
C GLU A 238 -8.54 0.31 -19.31
N PRO A 239 -7.65 1.13 -18.72
CA PRO A 239 -6.91 0.57 -17.59
C PRO A 239 -7.79 0.47 -16.36
N LEU A 240 -7.38 -0.37 -15.39
CA LEU A 240 -7.94 -0.29 -14.06
C LEU A 240 -7.28 0.90 -13.38
N VAL A 241 -8.02 1.64 -12.56
CA VAL A 241 -7.42 2.70 -11.77
C VAL A 241 -7.58 2.37 -10.29
N LEU A 242 -6.45 2.20 -9.60
CA LEU A 242 -6.46 1.85 -8.19
C LEU A 242 -6.07 3.08 -7.39
N MET A 243 -6.74 3.29 -6.26
CA MET A 243 -6.49 4.46 -5.42
C MET A 243 -6.33 4.04 -3.97
N CYS A 244 -5.46 4.73 -3.24
CA CYS A 244 -5.31 4.44 -1.82
C CYS A 244 -4.65 5.62 -1.14
N GLY A 245 -5.31 6.18 -0.14
CA GLY A 245 -4.77 7.31 0.58
C GLY A 245 -5.79 7.85 1.55
N PRO A 246 -5.57 9.07 2.04
CA PRO A 246 -6.55 9.68 2.95
C PRO A 246 -7.93 9.76 2.28
N PRO A 247 -9.00 9.47 3.04
CA PRO A 247 -10.37 9.58 2.51
C PRO A 247 -10.66 10.87 1.73
N PRO A 248 -10.25 12.07 2.23
CA PRO A 248 -10.53 13.23 1.37
C PRO A 248 -9.71 13.26 0.08
N MET A 249 -8.55 12.62 0.06
CA MET A 249 -7.82 12.52 -1.20
C MET A 249 -8.66 11.76 -2.22
N ILE A 250 -9.24 10.65 -1.78
CA ILE A 250 -10.07 9.84 -2.66
C ILE A 250 -11.33 10.62 -3.06
N GLN A 251 -12.01 11.17 -2.07
CA GLN A 251 -13.30 11.82 -2.31
C GLN A 251 -13.21 13.10 -3.14
N TYR A 252 -12.26 13.97 -2.80
CA TYR A 252 -12.23 15.30 -3.39
C TYR A 252 -11.17 15.49 -4.49
N ALA A 253 -10.07 14.76 -4.37
CA ALA A 253 -8.99 14.91 -5.37
C ALA A 253 -9.02 13.85 -6.46
N CYS A 254 -9.33 12.60 -6.11
CA CYS A 254 -9.31 11.53 -7.13
C CYS A 254 -10.61 11.38 -7.90
N LEU A 255 -11.68 11.02 -7.21
CA LEU A 255 -12.95 10.71 -7.87
C LEU A 255 -13.47 11.78 -8.85
N PRO A 256 -13.54 13.05 -8.42
CA PRO A 256 -14.08 14.05 -9.36
C PRO A 256 -13.17 14.26 -10.57
N ASN A 257 -11.87 14.08 -10.37
CA ASN A 257 -10.93 14.29 -11.47
C ASN A 257 -10.84 13.09 -12.40
N LEU A 258 -10.98 11.88 -11.85
CA LEU A 258 -11.12 10.69 -12.68
C LEU A 258 -12.35 10.83 -13.56
N GLU A 259 -13.40 11.43 -13.00
CA GLU A 259 -14.62 11.66 -13.77
C GLU A 259 -14.36 12.69 -14.87
N ARG A 260 -13.68 13.77 -14.52
CA ARG A 260 -13.39 14.83 -15.50
C ARG A 260 -12.55 14.28 -16.66
N VAL A 261 -11.61 13.39 -16.36
CA VAL A 261 -10.71 12.86 -17.37
C VAL A 261 -11.41 11.78 -18.21
N GLY A 262 -12.37 11.08 -17.61
CA GLY A 262 -13.19 10.14 -18.35
C GLY A 262 -13.05 8.67 -17.96
N HIS A 263 -12.43 8.40 -16.83
CA HIS A 263 -12.35 7.03 -16.33
C HIS A 263 -13.68 6.64 -15.68
N PRO A 264 -14.33 5.59 -16.20
CA PRO A 264 -15.64 5.17 -15.68
C PRO A 264 -15.51 4.58 -14.28
N LYS A 265 -16.57 4.67 -13.48
CA LYS A 265 -16.55 4.14 -12.12
C LYS A 265 -16.21 2.66 -12.10
N GLU A 266 -16.67 1.92 -13.11
CA GLU A 266 -16.46 0.48 -13.17
C GLU A 266 -14.98 0.11 -13.22
N ARG A 267 -14.15 1.03 -13.73
CA ARG A 267 -12.72 0.78 -13.89
C ARG A 267 -11.93 1.22 -12.67
N CYS A 268 -12.61 1.81 -11.69
CA CYS A 268 -11.93 2.36 -10.52
C CYS A 268 -12.15 1.52 -9.26
N PHE A 269 -11.11 1.44 -8.45
CA PHE A 269 -11.17 0.70 -7.20
C PHE A 269 -10.39 1.46 -6.11
N ALA A 270 -11.02 1.69 -4.96
CA ALA A 270 -10.30 2.24 -3.81
C ALA A 270 -10.04 1.15 -2.77
N PHE A 271 -8.79 1.00 -2.37
CA PHE A 271 -8.43 0.08 -1.29
C PHE A 271 -9.06 0.57 0.01
PA FAD B . -5.63 6.52 15.72
O1A FAD B . -5.53 6.63 17.23
O2A FAD B . -6.65 5.51 15.38
O5B FAD B . -6.17 7.83 15.07
C5B FAD B . -5.43 8.97 14.99
C4B FAD B . -5.70 9.73 13.73
O4B FAD B . -5.60 11.08 14.02
C3B FAD B . -4.66 9.42 12.76
O3B FAD B . -5.15 8.37 11.91
C2B FAD B . -4.46 10.60 12.08
O2B FAD B . -5.42 10.74 11.08
C1B FAD B . -4.68 11.64 13.15
N9A FAD B . -3.44 11.92 13.86
C8A FAD B . -3.12 11.54 15.11
N7A FAD B . -1.89 12.00 15.39
C5A FAD B . -1.40 12.68 14.25
C6A FAD B . -0.18 13.37 13.92
N6A FAD B . 0.85 13.45 14.85
N1A FAD B . -0.04 13.95 12.69
C2A FAD B . -1.04 13.87 11.79
N3A FAD B . -2.21 13.22 12.05
C4A FAD B . -2.39 12.63 13.29
N1 FAD B . -1.28 2.67 7.74
C2 FAD B . 0.05 2.46 7.56
O2 FAD B . 0.91 3.29 8.16
N3 FAD B . 0.54 1.43 6.81
C4 FAD B . -0.33 0.59 6.23
O4 FAD B . 0.18 -0.46 5.48
C4X FAD B . -1.77 0.76 6.39
N5 FAD B . -2.68 -0.13 5.82
C5X FAD B . -4.04 0.16 5.95
C6 FAD B . -4.97 -0.73 5.30
C7 FAD B . -6.33 -0.46 5.37
C7M FAD B . -7.29 -1.43 4.67
C8 FAD B . -6.79 0.68 6.05
C8M FAD B . -8.31 1.02 6.15
C9 FAD B . -5.90 1.54 6.67
C9A FAD B . -4.47 1.27 6.63
N10 FAD B . -3.55 2.11 7.31
C10 FAD B . -2.21 1.83 7.17
C1' FAD B . -3.92 2.91 8.49
C2' FAD B . -3.93 2.18 9.82
O2' FAD B . -4.91 1.21 9.80
C3' FAD B . -4.19 3.12 10.99
O3' FAD B . -5.35 3.82 10.75
C4' FAD B . -3.02 4.08 11.29
O4' FAD B . -1.90 3.36 11.62
C5' FAD B . -3.34 4.98 12.48
O5' FAD B . -3.85 4.27 13.57
P FAD B . -3.53 4.78 15.01
O1P FAD B . -4.05 3.78 16.02
O2P FAD B . -2.06 4.88 15.26
O3P FAD B . -4.21 6.17 15.11
PA NAD C . -0.88 12.38 4.56
O1A NAD C . -1.59 13.15 5.62
O2A NAD C . 0.59 12.54 4.79
O5B NAD C . -1.34 12.93 3.16
C5B NAD C . -0.72 12.45 2.02
C4B NAD C . -1.28 12.98 0.76
O4B NAD C . -2.64 12.79 0.81
C3B NAD C . -1.15 14.45 0.73
O3B NAD C . 0.11 14.86 0.31
C2B NAD C . -2.19 14.80 -0.15
O2B NAD C . -1.80 14.66 -1.52
C1B NAD C . -3.26 13.84 0.16
N9A NAD C . -4.22 14.47 1.05
C8A NAD C . -4.19 14.58 2.39
N7A NAD C . -5.27 15.29 2.81
C5A NAD C . -5.99 15.64 1.69
C6A NAD C . -7.18 16.38 1.46
N6A NAD C . -7.89 16.94 2.59
N1A NAD C . -7.65 16.56 0.19
C2A NAD C . -6.98 16.05 -0.87
N3A NAD C . -5.86 15.36 -0.71
C4A NAD C . -5.33 15.14 0.58
O3 NAD C . -1.31 10.89 4.55
PN NAD C . -0.97 9.74 5.60
O1N NAD C . -0.79 10.26 7.03
O2N NAD C . 0.24 8.96 5.26
O5D NAD C . -2.24 8.84 5.62
C5D NAD C . -2.45 7.79 4.73
C4D NAD C . -3.86 7.45 4.56
O4D NAD C . -3.96 6.31 3.68
C3D NAD C . -4.58 7.14 5.82
O3D NAD C . -5.86 7.63 5.80
C2D NAD C . -4.63 5.66 5.81
O2D NAD C . -5.66 5.07 6.48
C1D NAD C . -4.75 5.35 4.36
N1N NAD C . -4.42 3.89 3.89
C2N NAD C . -5.43 3.09 3.47
C3N NAD C . -5.11 1.77 3.04
C7N NAD C . -6.21 0.88 2.55
O7N NAD C . -5.90 -0.22 2.07
N7N NAD C . -7.59 1.32 2.62
C4N NAD C . -3.78 1.34 3.04
C5N NAD C . -2.74 2.23 3.48
C6N NAD C . -3.12 3.51 3.90
#